data_1GJO
#
_entry.id   1GJO
#
_cell.length_a   69.758
_cell.length_b   80.983
_cell.length_c   120.059
_cell.angle_alpha   90.00
_cell.angle_beta   90.00
_cell.angle_gamma   90.00
#
_symmetry.space_group_name_H-M   'I 2 2 2'
#
loop_
_entity.id
_entity.type
_entity.pdbx_description
1 polymer 'FIBROBLAST GROWTH FACTOR RECEPTOR 2'
2 non-polymer 'SULFATE ION'
3 water water
#
_entity_poly.entity_id   1
_entity_poly.type   'polypeptide(L)'
_entity_poly.pdbx_seq_one_letter_code
;GAMDTPMLAGVSEYELPEDPKWEFPRDKLTLGKPLGEGCFGQVVMAEAVGIDKDKPKEAVTVAVKMLKDDATEKDLSDLV
SEMEMMKMIGKHKNIINLLGACTQDGPLYVIVEYASKGNLREYLRARRPPGMEYSYDINRVPEEQMTFKDLVSCTYQLAR
GMEYLASQKCIHRDLAARNVLVTENNVMKIADFGLARDINNIDYYKKTTNGRLPVKWMAPEALFDRVYTHQSDVWSFGVL
MWEIFTLGGSPYPGIPVEELFKLLKEGHRMDKPANCTNELYMMMRDCWHAVPSQRPTFKQLVEDLDRILTLTTNEE
;
_entity_poly.pdbx_strand_id   A
#
loop_
_chem_comp.id
_chem_comp.type
_chem_comp.name
_chem_comp.formula
SO4 non-polymer 'SULFATE ION' 'O4 S -2'
#
# COMPACT_ATOMS: atom_id res chain seq x y z
N GLU A 15 28.21 3.67 -5.29
CA GLU A 15 27.71 4.13 -3.97
C GLU A 15 26.92 3.03 -3.26
N LEU A 16 25.90 2.52 -3.93
CA LEU A 16 25.03 1.48 -3.37
C LEU A 16 25.82 0.20 -3.08
N PRO A 17 25.61 -0.40 -1.90
CA PRO A 17 26.34 -1.63 -1.58
C PRO A 17 25.87 -2.75 -2.50
N GLU A 18 26.41 -3.96 -2.33
CA GLU A 18 26.02 -5.07 -3.18
C GLU A 18 25.27 -6.20 -2.46
N ASP A 19 24.35 -6.83 -3.18
CA ASP A 19 23.58 -7.94 -2.62
C ASP A 19 23.51 -9.03 -3.69
N PRO A 20 24.39 -10.02 -3.59
CA PRO A 20 24.51 -11.17 -4.48
C PRO A 20 23.22 -11.91 -4.76
N LYS A 21 22.48 -12.24 -3.71
CA LYS A 21 21.24 -12.98 -3.87
C LYS A 21 20.12 -12.25 -4.60
N TRP A 22 20.19 -10.92 -4.64
CA TRP A 22 19.15 -10.14 -5.31
C TRP A 22 19.60 -9.47 -6.60
N GLU A 23 20.90 -9.52 -6.89
CA GLU A 23 21.42 -8.91 -8.10
C GLU A 23 20.91 -9.58 -9.37
N PHE A 24 20.69 -8.79 -10.40
CA PHE A 24 20.20 -9.27 -11.68
C PHE A 24 20.93 -8.54 -12.80
N PRO A 25 21.47 -9.29 -13.79
CA PRO A 25 22.22 -8.77 -14.95
C PRO A 25 21.42 -7.76 -15.77
N ARG A 26 22.03 -6.61 -16.06
CA ARG A 26 21.37 -5.55 -16.81
C ARG A 26 20.97 -5.90 -18.24
N ASP A 27 21.70 -6.84 -18.85
CA ASP A 27 21.42 -7.24 -20.22
C ASP A 27 20.22 -8.18 -20.37
N LYS A 28 19.81 -8.83 -19.28
CA LYS A 28 18.65 -9.74 -19.32
C LYS A 28 17.32 -9.01 -19.16
N LEU A 29 17.40 -7.70 -18.98
CA LEU A 29 16.22 -6.86 -18.80
C LEU A 29 16.03 -5.97 -20.02
N THR A 30 14.78 -5.80 -20.46
CA THR A 30 14.50 -4.97 -21.63
C THR A 30 13.41 -3.95 -21.31
N LEU A 31 13.82 -2.72 -21.06
CA LEU A 31 12.87 -1.66 -20.73
C LEU A 31 11.83 -1.43 -21.83
N GLY A 32 10.63 -1.04 -21.43
CA GLY A 32 9.58 -0.80 -22.40
C GLY A 32 8.68 0.37 -22.09
N LYS A 33 7.38 0.12 -22.15
CA LYS A 33 6.35 1.13 -21.92
C LYS A 33 6.32 1.64 -20.48
N PRO A 34 6.23 2.96 -20.30
CA PRO A 34 6.18 3.57 -18.98
C PRO A 34 4.79 3.41 -18.35
N LEU A 35 4.71 2.68 -17.24
CA LEU A 35 3.44 2.44 -16.56
C LEU A 35 2.82 3.67 -15.90
N GLY A 36 3.61 4.73 -15.74
CA GLY A 36 3.09 5.95 -15.13
C GLY A 36 4.04 6.59 -14.13
N GLU A 37 4.24 7.90 -14.27
CA GLU A 37 5.11 8.68 -13.38
C GLU A 37 4.54 8.75 -11.96
N GLY A 38 5.24 9.40 -11.04
CA GLY A 38 4.74 9.49 -9.69
C GLY A 38 5.46 10.29 -8.63
N CYS A 39 5.58 9.68 -7.46
CA CYS A 39 6.19 10.27 -6.27
C CYS A 39 7.65 10.69 -6.39
N PHE A 40 8.51 9.70 -6.19
CA PHE A 40 9.96 9.86 -6.24
C PHE A 40 10.55 9.01 -7.37
N GLY A 41 9.97 9.11 -8.56
CA GLY A 41 10.47 8.35 -9.69
C GLY A 41 9.39 7.86 -10.64
N GLN A 42 9.74 6.89 -11.49
CA GLN A 42 8.80 6.34 -12.45
C GLN A 42 8.94 4.84 -12.60
N VAL A 43 7.85 4.20 -13.02
CA VAL A 43 7.81 2.76 -13.21
C VAL A 43 7.58 2.46 -14.68
N VAL A 44 8.33 1.50 -15.22
CA VAL A 44 8.15 1.14 -16.62
C VAL A 44 8.07 -0.36 -16.80
N MET A 45 7.19 -0.78 -17.71
CA MET A 45 7.00 -2.18 -18.03
C MET A 45 8.28 -2.67 -18.68
N ALA A 46 8.74 -3.85 -18.27
CA ALA A 46 9.96 -4.39 -18.84
C ALA A 46 9.83 -5.90 -18.98
N GLU A 47 10.82 -6.51 -19.60
CA GLU A 47 10.84 -7.96 -19.78
C GLU A 47 12.16 -8.47 -19.25
N ALA A 48 12.08 -9.53 -18.45
CA ALA A 48 13.28 -10.10 -17.86
C ALA A 48 13.42 -11.57 -18.20
N VAL A 49 14.66 -12.01 -18.36
CA VAL A 49 14.96 -13.40 -18.67
C VAL A 49 15.65 -13.99 -17.46
N GLY A 50 14.89 -14.70 -16.63
CA GLY A 50 15.45 -15.29 -15.43
C GLY A 50 14.45 -15.41 -14.28
N ILE A 51 14.03 -16.66 -14.03
CA ILE A 51 13.08 -16.98 -12.97
C ILE A 51 13.52 -18.28 -12.31
N LYS A 55 12.24 -22.52 -11.64
CA LYS A 55 13.33 -21.79 -12.38
C LYS A 55 13.35 -22.15 -13.87
N PRO A 56 12.46 -21.55 -14.67
CA PRO A 56 12.33 -21.76 -16.12
C PRO A 56 13.35 -21.10 -17.06
N LYS A 57 13.87 -19.94 -16.67
CA LYS A 57 14.82 -19.20 -17.49
C LYS A 57 14.21 -18.78 -18.84
N GLU A 58 13.09 -18.08 -18.75
CA GLU A 58 12.35 -17.58 -19.92
C GLU A 58 11.88 -16.14 -19.65
N ALA A 59 11.58 -15.41 -20.72
CA ALA A 59 11.14 -14.01 -20.63
C ALA A 59 9.74 -13.76 -20.05
N VAL A 60 9.71 -13.17 -18.87
CA VAL A 60 8.48 -12.83 -18.16
C VAL A 60 8.35 -11.31 -17.96
N THR A 61 7.13 -10.81 -18.11
CA THR A 61 6.85 -9.38 -17.95
C THR A 61 6.95 -8.97 -16.49
N VAL A 62 7.65 -7.85 -16.27
CA VAL A 62 7.85 -7.31 -14.93
C VAL A 62 7.68 -5.79 -14.92
N ALA A 63 7.79 -5.21 -13.73
CA ALA A 63 7.68 -3.77 -13.58
C ALA A 63 8.99 -3.30 -12.97
N VAL A 64 9.58 -2.27 -13.57
CA VAL A 64 10.85 -1.70 -13.10
C VAL A 64 10.68 -0.28 -12.56
N LYS A 65 10.96 -0.12 -11.27
CA LYS A 65 10.88 1.19 -10.62
C LYS A 65 12.24 1.86 -10.73
N MET A 66 12.26 3.11 -11.17
CA MET A 66 13.52 3.84 -11.33
C MET A 66 13.37 5.34 -11.12
N LEU A 67 14.52 6.01 -11.03
CA LEU A 67 14.55 7.46 -10.83
C LEU A 67 14.43 8.22 -12.14
N LYS A 68 13.98 9.47 -12.06
CA LYS A 68 13.86 10.33 -13.21
C LYS A 68 15.13 11.16 -13.21
N ASP A 69 15.26 12.04 -14.18
CA ASP A 69 16.46 12.87 -14.28
C ASP A 69 16.56 13.90 -13.15
N ASP A 70 15.40 14.31 -12.62
CA ASP A 70 15.35 15.30 -11.55
C ASP A 70 15.29 14.73 -10.14
N ALA A 71 15.68 13.48 -9.97
CA ALA A 71 15.67 12.84 -8.66
C ALA A 71 16.42 13.63 -7.60
N THR A 72 15.97 13.53 -6.36
CA THR A 72 16.59 14.23 -5.24
C THR A 72 17.22 13.16 -4.36
N GLU A 73 17.96 13.56 -3.35
CA GLU A 73 18.56 12.58 -2.45
C GLU A 73 17.46 11.84 -1.69
N LYS A 74 16.32 12.50 -1.45
CA LYS A 74 15.23 11.84 -0.76
C LYS A 74 14.65 10.78 -1.67
N ASP A 75 14.50 11.13 -2.95
CA ASP A 75 13.97 10.20 -3.95
C ASP A 75 14.84 8.94 -3.96
N LEU A 76 16.14 9.15 -3.96
CA LEU A 76 17.11 8.06 -3.98
C LEU A 76 17.00 7.20 -2.72
N SER A 77 17.00 7.85 -1.56
CA SER A 77 16.90 7.14 -0.29
C SER A 77 15.57 6.42 -0.11
N ASP A 78 14.50 6.97 -0.69
CA ASP A 78 13.18 6.34 -0.61
C ASP A 78 13.15 5.06 -1.43
N LEU A 79 13.63 5.15 -2.67
CA LEU A 79 13.67 4.01 -3.58
C LEU A 79 14.54 2.88 -3.03
N VAL A 80 15.67 3.24 -2.42
CA VAL A 80 16.57 2.25 -1.83
C VAL A 80 15.89 1.64 -0.60
N SER A 81 15.22 2.47 0.19
CA SER A 81 14.52 2.04 1.39
C SER A 81 13.43 1.03 1.04
N GLU A 82 12.72 1.30 -0.05
CA GLU A 82 11.66 0.41 -0.52
C GLU A 82 12.22 -0.96 -0.85
N MET A 83 13.33 -1.00 -1.59
CA MET A 83 13.98 -2.25 -1.97
C MET A 83 14.38 -3.06 -0.74
N GLU A 84 14.92 -2.37 0.26
CA GLU A 84 15.34 -3.01 1.51
C GLU A 84 14.16 -3.52 2.33
N MET A 85 13.04 -2.78 2.30
CA MET A 85 11.85 -3.18 3.04
C MET A 85 11.23 -4.43 2.44
N MET A 86 11.14 -4.47 1.11
CA MET A 86 10.57 -5.63 0.43
C MET A 86 11.34 -6.91 0.68
N LYS A 87 12.59 -6.78 1.11
CA LYS A 87 13.46 -7.92 1.41
C LYS A 87 13.22 -8.50 2.79
N MET A 88 12.90 -7.64 3.76
CA MET A 88 12.66 -8.10 5.11
C MET A 88 11.22 -8.59 5.24
N ILE A 89 10.33 -8.00 4.44
CA ILE A 89 8.92 -8.36 4.44
C ILE A 89 8.76 -9.80 3.96
N GLY A 90 9.39 -10.09 2.83
CA GLY A 90 9.32 -11.44 2.31
C GLY A 90 8.26 -11.64 1.26
N LYS A 91 7.90 -12.90 1.08
CA LYS A 91 6.91 -13.31 0.09
C LYS A 91 5.50 -13.51 0.63
N HIS A 92 4.53 -12.94 -0.08
CA HIS A 92 3.11 -13.06 0.24
C HIS A 92 2.30 -12.73 -1.00
N LYS A 93 1.14 -13.37 -1.13
CA LYS A 93 0.28 -13.19 -2.29
C LYS A 93 -0.48 -11.87 -2.39
N ASN A 94 -0.53 -11.11 -1.29
CA ASN A 94 -1.25 -9.84 -1.33
C ASN A 94 -0.42 -8.55 -1.26
N ILE A 95 0.85 -8.67 -1.63
CA ILE A 95 1.77 -7.54 -1.66
C ILE A 95 2.66 -7.72 -2.90
N ILE A 96 3.06 -6.62 -3.53
CA ILE A 96 3.93 -6.71 -4.69
C ILE A 96 5.27 -7.25 -4.24
N ASN A 97 5.70 -8.35 -4.86
CA ASN A 97 6.96 -8.99 -4.51
C ASN A 97 8.16 -8.51 -5.28
N LEU A 98 9.28 -8.43 -4.58
CA LEU A 98 10.56 -8.02 -5.13
C LEU A 98 11.15 -9.19 -5.91
N LEU A 99 11.37 -9.00 -7.21
CA LEU A 99 11.93 -10.05 -8.05
C LEU A 99 13.46 -9.98 -8.16
N GLY A 100 13.98 -8.77 -8.36
CA GLY A 100 15.41 -8.56 -8.48
C GLY A 100 15.76 -7.09 -8.44
N ALA A 101 17.05 -6.77 -8.56
CA ALA A 101 17.48 -5.38 -8.52
C ALA A 101 18.83 -5.16 -9.17
N CYS A 102 18.95 -4.09 -9.96
CA CYS A 102 20.20 -3.74 -10.61
C CYS A 102 20.79 -2.57 -9.86
N THR A 103 21.78 -2.85 -9.01
CA THR A 103 22.43 -1.84 -8.19
C THR A 103 23.88 -1.52 -8.62
N GLN A 104 24.61 -2.56 -9.02
CA GLN A 104 26.02 -2.44 -9.44
C GLN A 104 26.26 -1.81 -10.81
N ASP A 105 27.19 -0.86 -10.85
CA ASP A 105 27.61 -0.15 -12.07
C ASP A 105 26.46 0.30 -12.99
N GLY A 106 25.78 1.37 -12.59
CA GLY A 106 24.67 1.88 -13.37
C GLY A 106 23.50 2.42 -12.54
N PRO A 107 22.40 2.83 -13.19
CA PRO A 107 21.21 3.37 -12.52
C PRO A 107 20.43 2.32 -11.73
N LEU A 108 20.04 2.67 -10.51
CA LEU A 108 19.31 1.74 -9.66
C LEU A 108 18.02 1.31 -10.33
N TYR A 109 17.80 0.01 -10.31
CA TYR A 109 16.62 -0.58 -10.91
C TYR A 109 15.98 -1.52 -9.89
N VAL A 110 14.75 -1.24 -9.49
CA VAL A 110 14.06 -2.11 -8.53
C VAL A 110 13.04 -2.92 -9.34
N ILE A 111 13.29 -4.23 -9.45
CA ILE A 111 12.44 -5.12 -10.21
C ILE A 111 11.39 -5.80 -9.34
N VAL A 112 10.14 -5.46 -9.58
CA VAL A 112 9.02 -6.01 -8.82
C VAL A 112 8.04 -6.64 -9.80
N GLU A 113 7.03 -7.34 -9.28
CA GLU A 113 6.06 -7.98 -10.15
C GLU A 113 5.08 -7.04 -10.81
N TYR A 114 4.70 -7.40 -12.04
CA TYR A 114 3.78 -6.63 -12.87
C TYR A 114 2.32 -6.78 -12.50
N ALA A 115 1.58 -5.67 -12.52
CA ALA A 115 0.16 -5.64 -12.21
C ALA A 115 -0.56 -5.04 -13.41
N SER A 116 -1.04 -5.92 -14.30
CA SER A 116 -1.72 -5.52 -15.52
C SER A 116 -2.95 -4.62 -15.45
N LYS A 117 -3.73 -4.71 -14.37
CA LYS A 117 -4.95 -3.91 -14.22
C LYS A 117 -4.77 -2.47 -13.70
N GLY A 118 -3.62 -2.18 -13.10
CA GLY A 118 -3.38 -0.84 -12.59
C GLY A 118 -3.68 -0.72 -11.11
N ASN A 119 -3.86 0.50 -10.62
CA ASN A 119 -4.15 0.70 -9.20
C ASN A 119 -5.64 0.58 -8.87
N LEU A 120 -5.91 0.15 -7.66
CA LEU A 120 -7.27 -0.05 -7.16
C LEU A 120 -8.22 1.11 -7.36
N ARG A 121 -7.73 2.33 -7.17
CA ARG A 121 -8.60 3.50 -7.32
C ARG A 121 -9.18 3.62 -8.73
N GLU A 122 -8.32 3.79 -9.73
CA GLU A 122 -8.76 3.91 -11.12
C GLU A 122 -9.49 2.66 -11.57
N TYR A 123 -9.06 1.52 -11.05
CA TYR A 123 -9.69 0.24 -11.37
C TYR A 123 -11.16 0.31 -10.98
N LEU A 124 -11.41 0.59 -9.70
CA LEU A 124 -12.76 0.69 -9.17
C LEU A 124 -13.60 1.75 -9.88
N ARG A 125 -13.05 2.95 -10.05
CA ARG A 125 -13.78 4.04 -10.70
C ARG A 125 -14.19 3.69 -12.13
N ALA A 126 -13.51 2.71 -12.72
CA ALA A 126 -13.81 2.27 -14.08
C ALA A 126 -15.16 1.57 -14.18
N ARG A 127 -15.34 0.51 -13.40
CA ARG A 127 -16.59 -0.27 -13.41
C ARG A 127 -17.65 0.14 -12.39
N ARG A 128 -18.26 1.31 -12.60
CA ARG A 128 -19.29 1.80 -11.69
C ARG A 128 -20.69 2.01 -12.31
N GLU A 144 -16.81 -5.20 -17.90
CA GLU A 144 -18.18 -5.41 -17.33
C GLU A 144 -18.26 -4.81 -15.92
N GLN A 145 -19.50 -4.74 -15.39
CA GLN A 145 -19.74 -4.19 -14.07
C GLN A 145 -19.12 -4.98 -12.93
N MET A 146 -19.35 -4.51 -11.71
CA MET A 146 -18.80 -5.15 -10.52
C MET A 146 -19.88 -5.47 -9.50
N THR A 147 -19.60 -6.41 -8.60
CA THR A 147 -20.57 -6.81 -7.57
C THR A 147 -20.09 -6.57 -6.14
N PHE A 148 -21.03 -6.58 -5.21
CA PHE A 148 -20.74 -6.37 -3.80
C PHE A 148 -19.85 -7.50 -3.27
N LYS A 149 -20.12 -8.72 -3.73
CA LYS A 149 -19.35 -9.90 -3.33
C LYS A 149 -17.86 -9.64 -3.59
N ASP A 150 -17.59 -8.97 -4.71
CA ASP A 150 -16.23 -8.65 -5.11
C ASP A 150 -15.58 -7.69 -4.12
N LEU A 151 -16.32 -6.63 -3.76
CA LEU A 151 -15.82 -5.63 -2.82
C LEU A 151 -15.40 -6.22 -1.47
N VAL A 152 -16.19 -7.15 -0.96
CA VAL A 152 -15.89 -7.79 0.31
C VAL A 152 -14.67 -8.71 0.16
N SER A 153 -14.55 -9.35 -1.00
CA SER A 153 -13.44 -10.24 -1.27
C SER A 153 -12.18 -9.40 -1.41
N CYS A 154 -12.34 -8.26 -2.08
CA CYS A 154 -11.27 -7.30 -2.31
C CYS A 154 -10.73 -6.76 -0.98
N THR A 155 -11.64 -6.41 -0.08
CA THR A 155 -11.30 -5.89 1.23
C THR A 155 -10.63 -6.95 2.10
N TYR A 156 -11.10 -8.19 1.97
CA TYR A 156 -10.57 -9.32 2.73
C TYR A 156 -9.11 -9.61 2.37
N GLN A 157 -8.80 -9.55 1.08
CA GLN A 157 -7.44 -9.78 0.61
C GLN A 157 -6.49 -8.76 1.22
N LEU A 158 -6.89 -7.50 1.13
CA LEU A 158 -6.10 -6.40 1.67
C LEU A 158 -5.88 -6.54 3.17
N ALA A 159 -6.92 -6.98 3.89
CA ALA A 159 -6.83 -7.18 5.33
C ALA A 159 -5.83 -8.30 5.62
N ARG A 160 -5.76 -9.26 4.71
CA ARG A 160 -4.83 -10.37 4.86
C ARG A 160 -3.40 -9.90 4.61
N GLY A 161 -3.21 -9.07 3.59
CA GLY A 161 -1.88 -8.55 3.30
C GLY A 161 -1.36 -7.77 4.49
N MET A 162 -2.21 -6.90 5.04
CA MET A 162 -1.85 -6.06 6.18
C MET A 162 -1.59 -6.85 7.46
N GLU A 163 -2.23 -8.00 7.60
CA GLU A 163 -2.00 -8.82 8.78
C GLU A 163 -0.59 -9.41 8.69
N TYR A 164 -0.20 -9.84 7.50
CA TYR A 164 1.13 -10.41 7.28
C TYR A 164 2.17 -9.32 7.54
N LEU A 165 1.97 -8.14 6.95
CA LEU A 165 2.86 -7.01 7.12
C LEU A 165 3.12 -6.76 8.59
N ALA A 166 2.05 -6.73 9.37
CA ALA A 166 2.13 -6.48 10.80
C ALA A 166 2.89 -7.56 11.57
N SER A 167 2.77 -8.82 11.12
CA SER A 167 3.45 -9.94 11.78
C SER A 167 4.94 -9.80 11.51
N GLN A 168 5.28 -9.20 10.37
CA GLN A 168 6.67 -8.97 9.99
C GLN A 168 7.22 -7.72 10.68
N LYS A 169 6.41 -7.10 11.54
CA LYS A 169 6.77 -5.89 12.29
C LYS A 169 7.07 -4.70 11.41
N CYS A 170 6.30 -4.56 10.34
CA CYS A 170 6.45 -3.46 9.39
C CYS A 170 5.22 -2.56 9.39
N ILE A 171 5.43 -1.25 9.46
CA ILE A 171 4.34 -0.30 9.40
C ILE A 171 4.44 0.36 8.02
N HIS A 172 3.37 0.28 7.25
CA HIS A 172 3.35 0.82 5.90
C HIS A 172 3.34 2.36 5.84
N ARG A 173 2.52 2.98 6.67
CA ARG A 173 2.39 4.45 6.74
C ARG A 173 1.76 5.16 5.54
N ASP A 174 1.39 4.42 4.51
CA ASP A 174 0.81 5.05 3.33
C ASP A 174 -0.21 4.18 2.62
N LEU A 175 -0.98 3.40 3.38
CA LEU A 175 -2.00 2.52 2.80
C LEU A 175 -3.16 3.32 2.21
N ALA A 176 -3.43 3.08 0.93
CA ALA A 176 -4.50 3.79 0.22
C ALA A 176 -4.84 3.01 -1.04
N ALA A 177 -5.95 3.39 -1.69
CA ALA A 177 -6.40 2.71 -2.90
C ALA A 177 -5.40 2.90 -4.04
N ARG A 178 -4.84 4.09 -4.15
CA ARG A 178 -3.86 4.38 -5.19
C ARG A 178 -2.61 3.53 -5.01
N ASN A 179 -2.34 3.09 -3.78
CA ASN A 179 -1.17 2.27 -3.49
C ASN A 179 -1.43 0.78 -3.47
N VAL A 180 -2.54 0.36 -4.06
CA VAL A 180 -2.87 -1.06 -4.15
C VAL A 180 -3.07 -1.35 -5.63
N LEU A 181 -2.35 -2.34 -6.14
CA LEU A 181 -2.46 -2.69 -7.54
C LEU A 181 -3.17 -4.02 -7.69
N VAL A 182 -3.81 -4.20 -8.84
CA VAL A 182 -4.53 -5.43 -9.13
C VAL A 182 -3.99 -6.07 -10.39
N THR A 183 -3.63 -7.35 -10.29
CA THR A 183 -3.08 -8.10 -11.40
C THR A 183 -4.19 -8.68 -12.28
N GLU A 184 -3.80 -9.60 -13.14
CA GLU A 184 -4.74 -10.30 -14.00
C GLU A 184 -5.39 -11.29 -13.03
N ASN A 185 -6.64 -11.66 -13.28
CA ASN A 185 -7.39 -12.58 -12.41
C ASN A 185 -7.81 -11.87 -11.11
N ASN A 186 -7.44 -10.60 -11.01
CA ASN A 186 -7.79 -9.74 -9.89
C ASN A 186 -7.25 -10.06 -8.49
N VAL A 187 -5.93 -10.06 -8.34
CA VAL A 187 -5.34 -10.30 -7.03
C VAL A 187 -4.96 -8.91 -6.50
N MET A 188 -5.38 -8.60 -5.28
CA MET A 188 -5.08 -7.31 -4.66
C MET A 188 -3.68 -7.34 -4.06
N LYS A 189 -2.87 -6.35 -4.42
CA LYS A 189 -1.51 -6.29 -3.92
C LYS A 189 -1.14 -4.92 -3.38
N ILE A 190 -0.73 -4.90 -2.12
CA ILE A 190 -0.32 -3.68 -1.45
C ILE A 190 1.06 -3.32 -2.01
N ALA A 191 1.20 -2.07 -2.44
CA ALA A 191 2.47 -1.61 -3.00
C ALA A 191 3.00 -0.35 -2.33
N ASP A 192 4.07 0.17 -2.92
CA ASP A 192 4.73 1.41 -2.48
C ASP A 192 5.23 1.44 -1.04
N PHE A 193 6.36 0.76 -0.82
CA PHE A 193 6.98 0.67 0.48
C PHE A 193 8.06 1.72 0.74
N GLY A 194 7.96 2.84 0.01
CA GLY A 194 8.93 3.90 0.19
C GLY A 194 8.93 4.56 1.55
N LEU A 195 7.75 4.61 2.19
CA LEU A 195 7.57 5.22 3.50
C LEU A 195 7.46 4.26 4.68
N ALA A 196 7.44 2.96 4.37
CA ALA A 196 7.34 1.91 5.39
C ALA A 196 8.50 1.92 6.37
N ARG A 197 8.35 1.20 7.48
CA ARG A 197 9.41 1.14 8.49
C ARG A 197 9.55 -0.19 9.17
N ASP A 198 10.74 -0.44 9.69
CA ASP A 198 11.07 -1.65 10.42
C ASP A 198 10.89 -1.35 11.90
N ILE A 199 9.88 -1.97 12.50
CA ILE A 199 9.54 -1.77 13.92
C ILE A 199 9.97 -2.94 14.81
N ASN A 200 10.82 -3.81 14.29
CA ASN A 200 11.30 -4.96 15.04
C ASN A 200 11.85 -4.67 16.43
N ASN A 201 12.80 -3.75 16.51
CA ASN A 201 13.42 -3.42 17.80
C ASN A 201 13.20 -1.97 18.19
N ILE A 202 12.93 -1.13 17.20
CA ILE A 202 12.71 0.30 17.43
C ILE A 202 11.35 0.75 16.93
N ASP A 203 10.63 1.53 17.74
CA ASP A 203 9.30 2.01 17.33
C ASP A 203 9.23 3.51 16.97
N TYR A 204 10.33 4.23 17.20
CA TYR A 204 10.42 5.66 16.88
C TYR A 204 9.47 6.55 17.68
N TYR A 205 9.21 6.16 18.93
CA TYR A 205 8.32 6.92 19.80
C TYR A 205 8.75 8.39 19.94
N LYS A 206 7.87 9.30 19.55
CA LYS A 206 8.08 10.76 19.58
C LYS A 206 9.11 11.24 18.57
N LYS A 207 9.43 10.38 17.60
CA LYS A 207 10.40 10.70 16.57
C LYS A 207 9.78 10.84 15.19
N THR A 208 8.73 10.08 14.90
CA THR A 208 8.07 10.16 13.60
C THR A 208 7.13 11.35 13.56
N THR A 209 7.52 12.37 12.82
CA THR A 209 6.71 13.57 12.70
C THR A 209 5.68 13.45 11.58
N ASN A 210 5.84 12.42 10.76
CA ASN A 210 4.90 12.10 9.67
C ASN A 210 4.41 13.20 8.77
N GLY A 211 5.28 14.12 8.39
CA GLY A 211 4.90 15.22 7.50
C GLY A 211 4.78 14.86 6.03
N ARG A 212 5.15 13.64 5.67
CA ARG A 212 5.10 13.18 4.29
C ARG A 212 3.99 12.17 4.01
N LEU A 213 3.10 11.94 4.99
CA LEU A 213 1.99 11.02 4.80
C LEU A 213 0.75 11.82 4.38
N PRO A 214 -0.06 11.29 3.45
CA PRO A 214 -1.25 12.03 3.02
C PRO A 214 -2.22 12.14 4.20
N VAL A 215 -2.58 13.37 4.55
CA VAL A 215 -3.43 13.64 5.69
C VAL A 215 -4.81 12.97 5.77
N LYS A 216 -5.51 12.82 4.65
CA LYS A 216 -6.84 12.21 4.72
C LYS A 216 -6.83 10.73 5.10
N TRP A 217 -5.63 10.13 5.15
CA TRP A 217 -5.51 8.72 5.52
C TRP A 217 -4.79 8.54 6.85
N MET A 218 -4.40 9.65 7.49
CA MET A 218 -3.67 9.61 8.76
C MET A 218 -4.50 9.52 10.02
N ALA A 219 -3.99 8.74 10.97
CA ALA A 219 -4.61 8.57 12.27
C ALA A 219 -4.20 9.81 13.08
N PRO A 220 -5.03 10.22 14.05
CA PRO A 220 -4.80 11.38 14.91
C PRO A 220 -3.47 11.41 15.66
N GLU A 221 -3.03 10.26 16.19
CA GLU A 221 -1.75 10.19 16.92
C GLU A 221 -0.59 10.42 15.97
N ALA A 222 -0.81 10.10 14.69
CA ALA A 222 0.19 10.25 13.67
C ALA A 222 0.33 11.72 13.33
N LEU A 223 -0.81 12.39 13.25
CA LEU A 223 -0.88 13.81 12.92
C LEU A 223 -0.42 14.72 14.03
N PHE A 224 -0.69 14.33 15.27
CA PHE A 224 -0.38 15.20 16.39
C PHE A 224 0.59 14.70 17.45
N ASP A 225 0.71 13.38 17.61
CA ASP A 225 1.54 12.87 18.68
C ASP A 225 2.91 12.31 18.42
N ARG A 226 3.38 12.42 17.18
CA ARG A 226 4.72 11.96 16.81
C ARG A 226 4.97 10.50 17.07
N VAL A 227 3.96 9.68 16.77
CA VAL A 227 4.06 8.22 16.92
C VAL A 227 3.35 7.55 15.75
N TYR A 228 3.63 6.28 15.55
CA TYR A 228 2.98 5.51 14.49
C TYR A 228 3.15 4.05 14.88
N THR A 229 2.02 3.35 14.97
CA THR A 229 2.01 1.93 15.34
C THR A 229 1.15 1.18 14.34
N HIS A 230 1.00 -0.12 14.55
CA HIS A 230 0.18 -0.93 13.66
C HIS A 230 -1.25 -0.42 13.76
N GLN A 231 -1.61 0.09 14.93
CA GLN A 231 -2.94 0.64 15.14
C GLN A 231 -3.19 1.87 14.27
N SER A 232 -2.13 2.62 13.98
CA SER A 232 -2.24 3.79 13.13
C SER A 232 -2.58 3.31 11.72
N ASP A 233 -2.04 2.15 11.33
CA ASP A 233 -2.31 1.54 10.02
C ASP A 233 -3.76 1.06 9.88
N VAL A 234 -4.39 0.61 10.98
CA VAL A 234 -5.77 0.13 10.89
C VAL A 234 -6.70 1.32 10.59
N TRP A 235 -6.36 2.49 11.11
CA TRP A 235 -7.16 3.69 10.84
C TRP A 235 -7.17 3.90 9.34
N SER A 236 -5.98 3.85 8.76
CA SER A 236 -5.82 4.06 7.32
C SER A 236 -6.57 2.99 6.54
N PHE A 237 -6.60 1.77 7.07
CA PHE A 237 -7.31 0.65 6.44
C PHE A 237 -8.81 0.98 6.37
N GLY A 238 -9.33 1.59 7.43
CA GLY A 238 -10.74 1.98 7.48
C GLY A 238 -11.04 2.96 6.37
N VAL A 239 -10.12 3.89 6.14
CA VAL A 239 -10.27 4.87 5.08
C VAL A 239 -10.16 4.15 3.73
N LEU A 240 -9.34 3.10 3.69
CA LEU A 240 -9.19 2.33 2.45
C LEU A 240 -10.51 1.60 2.14
N MET A 241 -11.16 1.08 3.19
CA MET A 241 -12.45 0.39 3.05
C MET A 241 -13.47 1.35 2.47
N TRP A 242 -13.52 2.56 3.02
CA TRP A 242 -14.45 3.57 2.55
C TRP A 242 -14.24 3.81 1.05
N GLU A 243 -12.98 3.88 0.63
CA GLU A 243 -12.62 4.09 -0.77
C GLU A 243 -13.16 2.95 -1.64
N ILE A 244 -13.16 1.76 -1.09
CA ILE A 244 -13.65 0.59 -1.81
C ILE A 244 -15.17 0.59 -1.93
N PHE A 245 -15.87 0.84 -0.83
CA PHE A 245 -17.32 0.85 -0.86
C PHE A 245 -17.96 2.07 -1.48
N THR A 246 -17.13 3.02 -1.90
CA THR A 246 -17.60 4.23 -2.60
C THR A 246 -17.11 4.13 -4.04
N LEU A 247 -16.43 3.02 -4.34
CA LEU A 247 -15.86 2.71 -5.65
C LEU A 247 -14.86 3.77 -6.13
N GLY A 248 -13.78 3.92 -5.37
CA GLY A 248 -12.75 4.90 -5.71
C GLY A 248 -13.15 6.32 -5.35
N GLY A 249 -13.97 6.46 -4.31
CA GLY A 249 -14.41 7.78 -3.88
C GLY A 249 -13.34 8.52 -3.14
N SER A 250 -13.42 9.84 -3.11
CA SER A 250 -12.44 10.69 -2.42
C SER A 250 -12.82 10.93 -0.98
N PRO A 251 -11.98 10.48 -0.02
CA PRO A 251 -12.25 10.65 1.40
C PRO A 251 -12.50 12.10 1.80
N TYR A 252 -13.45 12.26 2.73
CA TYR A 252 -13.87 13.55 3.24
C TYR A 252 -14.27 14.46 2.09
N PRO A 253 -15.23 14.00 1.26
CA PRO A 253 -15.69 14.81 0.12
C PRO A 253 -16.19 16.19 0.53
N GLY A 254 -15.78 17.20 -0.24
CA GLY A 254 -16.20 18.56 0.03
C GLY A 254 -15.47 19.22 1.19
N ILE A 255 -14.53 18.50 1.79
CA ILE A 255 -13.74 19.02 2.91
C ILE A 255 -12.25 19.06 2.54
N PRO A 256 -11.67 20.27 2.45
CA PRO A 256 -10.26 20.43 2.09
C PRO A 256 -9.35 19.93 3.23
N VAL A 257 -8.17 19.41 2.89
CA VAL A 257 -7.26 18.90 3.90
C VAL A 257 -6.98 19.94 4.98
N GLU A 258 -6.89 21.22 4.57
CA GLU A 258 -6.61 22.31 5.51
C GLU A 258 -7.56 22.46 6.70
N GLU A 259 -8.82 22.08 6.54
CA GLU A 259 -9.74 22.21 7.68
C GLU A 259 -9.94 20.89 8.42
N LEU A 260 -9.36 19.82 7.90
CA LEU A 260 -9.46 18.49 8.49
C LEU A 260 -8.72 18.37 9.82
N PHE A 261 -7.75 19.25 10.06
CA PHE A 261 -6.98 19.23 11.31
C PHE A 261 -7.83 19.51 12.54
N LYS A 262 -8.78 20.44 12.42
CA LYS A 262 -9.66 20.78 13.54
C LYS A 262 -10.82 19.81 13.63
N LEU A 263 -11.38 19.44 12.48
CA LEU A 263 -12.51 18.53 12.45
C LEU A 263 -12.19 17.19 13.09
N LEU A 264 -11.01 16.67 12.82
CA LEU A 264 -10.61 15.40 13.39
C LEU A 264 -10.56 15.42 14.92
N LYS A 265 -10.23 16.59 15.48
CA LYS A 265 -10.17 16.77 16.92
C LYS A 265 -11.59 16.84 17.51
N GLU A 266 -12.51 17.41 16.74
CA GLU A 266 -13.90 17.55 17.15
C GLU A 266 -14.64 16.22 17.16
N GLY A 267 -14.01 15.18 16.62
CA GLY A 267 -14.62 13.86 16.59
C GLY A 267 -15.35 13.56 15.29
N HIS A 268 -15.10 14.36 14.26
CA HIS A 268 -15.72 14.16 12.95
C HIS A 268 -15.18 12.87 12.29
N ARG A 269 -16.07 12.17 11.58
CA ARG A 269 -15.74 10.93 10.89
C ARG A 269 -16.59 10.90 9.61
N MET A 270 -16.27 10.01 8.68
CA MET A 270 -17.05 9.92 7.43
C MET A 270 -18.32 9.10 7.63
N ASP A 271 -19.34 9.33 6.79
CA ASP A 271 -20.57 8.57 6.89
C ASP A 271 -20.64 7.37 5.97
N LYS A 272 -21.60 6.51 6.23
CA LYS A 272 -21.81 5.27 5.49
C LYS A 272 -22.06 5.43 4.00
N PRO A 273 -21.30 4.68 3.18
CA PRO A 273 -21.42 4.70 1.72
C PRO A 273 -22.71 3.94 1.36
N ALA A 274 -23.46 4.46 0.39
CA ALA A 274 -24.72 3.83 -0.05
C ALA A 274 -24.51 2.57 -0.87
N ASN A 275 -23.70 1.67 -0.33
CA ASN A 275 -23.39 0.41 -0.99
C ASN A 275 -22.61 -0.41 0.02
N CYS A 276 -22.89 -0.13 1.29
CA CYS A 276 -22.20 -0.80 2.37
C CYS A 276 -23.21 -1.30 3.40
N THR A 277 -22.93 -2.49 3.93
CA THR A 277 -23.76 -3.10 4.95
C THR A 277 -23.61 -2.27 6.23
N ASN A 278 -24.49 -2.47 7.19
CA ASN A 278 -24.40 -1.74 8.43
C ASN A 278 -23.29 -2.35 9.28
N GLU A 279 -23.02 -3.62 9.03
CA GLU A 279 -21.97 -4.36 9.74
C GLU A 279 -20.59 -3.94 9.25
N LEU A 280 -20.49 -3.66 7.95
CA LEU A 280 -19.24 -3.21 7.34
C LEU A 280 -18.89 -1.82 7.84
N TYR A 281 -19.89 -0.94 7.86
CA TYR A 281 -19.71 0.44 8.31
C TYR A 281 -19.26 0.49 9.78
N MET A 282 -19.62 -0.52 10.57
CA MET A 282 -19.21 -0.57 11.97
C MET A 282 -17.73 -0.92 12.08
N MET A 283 -17.21 -1.66 11.09
CA MET A 283 -15.79 -2.02 11.07
C MET A 283 -15.02 -0.72 10.83
N MET A 284 -15.48 0.05 9.86
CA MET A 284 -14.87 1.34 9.53
C MET A 284 -14.83 2.18 10.80
N ARG A 285 -15.99 2.40 11.39
CA ARG A 285 -16.12 3.19 12.61
C ARG A 285 -15.26 2.68 13.75
N ASP A 286 -14.97 1.39 13.76
CA ASP A 286 -14.13 0.79 14.79
C ASP A 286 -12.66 1.10 14.53
N CYS A 287 -12.31 1.17 13.25
CA CYS A 287 -10.94 1.49 12.84
C CYS A 287 -10.65 2.95 13.13
N TRP A 288 -11.71 3.76 13.26
CA TRP A 288 -11.59 5.18 13.53
C TRP A 288 -11.79 5.64 14.97
N HIS A 289 -11.50 4.79 15.94
CA HIS A 289 -11.64 5.21 17.33
C HIS A 289 -10.46 6.11 17.68
N ALA A 290 -10.73 7.17 18.42
CA ALA A 290 -9.69 8.10 18.82
C ALA A 290 -8.56 7.37 19.54
N VAL A 291 -8.94 6.45 20.43
CA VAL A 291 -7.96 5.67 21.17
C VAL A 291 -7.54 4.45 20.37
N PRO A 292 -6.23 4.35 20.03
CA PRO A 292 -5.63 3.26 19.25
C PRO A 292 -5.94 1.85 19.74
N SER A 293 -5.79 1.63 21.04
CA SER A 293 -6.05 0.33 21.66
C SER A 293 -7.48 -0.18 21.49
N GLN A 294 -8.42 0.73 21.27
CA GLN A 294 -9.81 0.37 21.08
C GLN A 294 -10.13 -0.04 19.66
N ARG A 295 -9.18 0.17 18.75
CA ARG A 295 -9.38 -0.21 17.35
C ARG A 295 -9.07 -1.70 17.20
N PRO A 296 -9.66 -2.35 16.20
CA PRO A 296 -9.40 -3.78 15.98
C PRO A 296 -8.02 -4.04 15.41
N THR A 297 -7.49 -5.24 15.62
CA THR A 297 -6.18 -5.60 15.09
C THR A 297 -6.42 -6.14 13.69
N PHE A 298 -5.36 -6.36 12.93
CA PHE A 298 -5.52 -6.88 11.59
C PHE A 298 -5.98 -8.33 11.65
N LYS A 299 -5.64 -9.01 12.74
CA LYS A 299 -6.03 -10.42 12.93
C LYS A 299 -7.54 -10.51 13.06
N GLN A 300 -8.12 -9.61 13.86
CA GLN A 300 -9.55 -9.55 14.06
C GLN A 300 -10.24 -9.17 12.77
N LEU A 301 -9.69 -8.18 12.06
CA LEU A 301 -10.24 -7.73 10.79
C LEU A 301 -10.30 -8.89 9.78
N VAL A 302 -9.35 -9.81 9.89
CA VAL A 302 -9.30 -10.97 9.00
C VAL A 302 -10.41 -11.95 9.40
N GLU A 303 -10.49 -12.28 10.69
CA GLU A 303 -11.51 -13.21 11.20
C GLU A 303 -12.93 -12.75 10.89
N ASP A 304 -13.24 -11.52 11.28
CA ASP A 304 -14.56 -10.93 11.07
C ASP A 304 -14.92 -10.80 9.60
N LEU A 305 -13.93 -10.44 8.78
CA LEU A 305 -14.18 -10.30 7.35
C LEU A 305 -14.39 -11.69 6.74
N ASP A 306 -13.75 -12.69 7.36
CA ASP A 306 -13.85 -14.07 6.89
C ASP A 306 -15.30 -14.52 6.99
N ARG A 307 -15.91 -14.27 8.15
CA ARG A 307 -17.30 -14.63 8.38
C ARG A 307 -18.21 -13.92 7.38
N ILE A 308 -18.08 -12.60 7.32
CA ILE A 308 -18.88 -11.78 6.43
C ILE A 308 -18.81 -12.21 4.96
N LEU A 309 -17.72 -12.83 4.57
CA LEU A 309 -17.57 -13.28 3.18
C LEU A 309 -18.38 -14.54 2.93
N THR A 310 -18.34 -15.47 3.87
CA THR A 310 -19.07 -16.73 3.77
C THR A 310 -20.57 -16.50 3.64
N LEU A 311 -21.08 -15.57 4.43
CA LEU A 311 -22.51 -15.24 4.45
C LEU A 311 -22.96 -14.27 3.36
N THR A 312 -22.27 -14.28 2.22
CA THR A 312 -22.61 -13.41 1.10
C THR A 312 -22.82 -14.23 -0.16
S SO4 B . 10.29 10.43 6.52
O1 SO4 B . 9.16 9.61 6.72
O2 SO4 B . 10.97 10.62 7.76
O3 SO4 B . 11.18 9.80 5.59
O4 SO4 B . 9.87 11.69 5.97
S SO4 C . 8.72 15.73 8.49
O1 SO4 C . 9.72 16.55 9.05
O2 SO4 C . 7.50 15.96 9.16
O3 SO4 C . 8.59 15.96 7.10
O4 SO4 C . 9.09 14.37 8.66
#